data_9E9H
#
_entry.id   9E9H
#
_cell.length_a   40.715
_cell.length_b   40.715
_cell.length_c   341.304
_cell.angle_alpha   90.00
_cell.angle_beta   90.00
_cell.angle_gamma   120.00
#
_symmetry.space_group_name_H-M   'P 65 2 2'
#
loop_
_entity.id
_entity.type
_entity.pdbx_description
1 polymer 'GTPase KRas'
2 non-polymer 'CALCIUM ION'
3 non-polymer "GUANOSINE-5'-DIPHOSPHATE"
4 non-polymer (3S)-N,5-dimethyl-3-({4-[3-(morpholin-4-yl)phenyl]-6-(2-propanoyl-2,6-diazaspiro[3.4]octan-6-yl)-1,3,5-triazin-2-yl}amino)hexanamide
5 water water
#
_entity_poly.entity_id   1
_entity_poly.type   'polypeptide(L)'
_entity_poly.pdbx_seq_one_letter_code
;MKHHHHHHHDEVDGMTEYKLVVVGACGVGKSALTIQLIQNHFVDEYDPTIEDSYRKQVVIDGETSLLDILDTAGQEEYSA
MRDQYMRTGEGFLLVFAINNTKSFEDIHHYREQIKRVKDSEDVPMVLVGNKSDLPSRTVDTKQAQDLARSYGIPFIETSA
KTRQGVDDAFYTLVREIRKHKEK
;
_entity_poly.pdbx_strand_id   A
#
loop_
_chem_comp.id
_chem_comp.type
_chem_comp.name
_chem_comp.formula
A1BH6 non-polymer (3S)-N,5-dimethyl-3-({4-[3-(morpholin-4-yl)phenyl]-6-(2-propanoyl-2,6-diazaspiro[3.4]octan-6-yl)-1,3,5-triazin-2-yl}amino)hexanamide 'C30 H44 N8 O3'
CA non-polymer 'CALCIUM ION' 'Ca 2'
GDP RNA linking GUANOSINE-5'-DIPHOSPHATE 'C10 H15 N5 O11 P2'
#
# COMPACT_ATOMS: atom_id res chain seq x y z
N GLY A 14 3.28 -22.31 -13.20
CA GLY A 14 4.44 -21.55 -12.64
C GLY A 14 4.03 -20.61 -11.52
N MET A 15 4.96 -19.76 -11.11
CA MET A 15 4.68 -18.75 -10.11
C MET A 15 5.42 -17.46 -10.45
N THR A 16 4.96 -16.38 -9.84
CA THR A 16 5.60 -15.08 -9.97
C THR A 16 5.79 -14.47 -8.60
N GLU A 17 6.92 -13.82 -8.40
CA GLU A 17 7.19 -13.09 -7.18
C GLU A 17 7.04 -11.59 -7.44
N TYR A 18 6.44 -10.91 -6.48
CA TYR A 18 6.24 -9.46 -6.53
C TYR A 18 6.76 -8.81 -5.27
N LYS A 19 7.56 -7.76 -5.43
CA LYS A 19 8.07 -6.98 -4.31
C LYS A 19 7.17 -5.76 -4.10
N LEU A 20 6.45 -5.74 -2.98
CA LEU A 20 5.49 -4.66 -2.69
C LEU A 20 5.96 -3.82 -1.51
N VAL A 21 5.56 -2.56 -1.50
CA VAL A 21 5.90 -1.65 -0.40
C VAL A 21 4.64 -0.91 0.06
N VAL A 22 4.40 -0.93 1.36
CA VAL A 22 3.22 -0.30 1.93
C VAL A 22 3.71 0.97 2.62
N VAL A 23 3.24 2.11 2.14
CA VAL A 23 3.62 3.41 2.69
C VAL A 23 2.40 4.22 3.13
N GLY A 24 2.67 5.25 3.91
CA GLY A 24 1.64 6.10 4.47
C GLY A 24 1.98 6.52 5.87
N ALA A 25 1.23 7.50 6.35
CA ALA A 25 1.47 8.10 7.65
C ALA A 25 1.35 7.08 8.78
N CYS A 26 1.92 7.43 9.93
CA CYS A 26 1.71 6.67 11.16
C CYS A 26 0.23 6.50 11.44
N GLY A 27 -0.14 5.26 11.79
CA GLY A 27 -1.47 4.99 12.28
C GLY A 27 -2.57 4.83 11.24
N VAL A 28 -2.23 4.81 9.96
CA VAL A 28 -3.25 4.64 8.92
C VAL A 28 -3.73 3.18 8.77
N GLY A 29 -2.93 2.23 9.28
CA GLY A 29 -3.26 0.81 9.19
C GLY A 29 -2.37 -0.03 8.28
N LYS A 30 -1.14 0.42 8.05
CA LYS A 30 -0.19 -0.30 7.20
C LYS A 30 0.08 -1.72 7.72
N SER A 31 0.41 -1.82 9.01
CA SER A 31 0.68 -3.13 9.60
C SER A 31 -0.59 -3.99 9.64
N ALA A 32 -1.71 -3.39 10.00
CA ALA A 32 -2.98 -4.09 10.08
C ALA A 32 -3.38 -4.66 8.71
N LEU A 33 -3.17 -3.90 7.64
CA LEU A 33 -3.46 -4.39 6.29
C LEU A 33 -2.55 -5.55 5.93
N THR A 34 -1.26 -5.36 6.19
CA THR A 34 -0.26 -6.38 5.88
C THR A 34 -0.56 -7.67 6.64
N ILE A 35 -0.89 -7.55 7.92
CA ILE A 35 -1.13 -8.73 8.75
C ILE A 35 -2.44 -9.42 8.34
N GLN A 36 -3.46 -8.63 7.96
CA GLN A 36 -4.66 -9.21 7.38
C GLN A 36 -4.34 -10.04 6.15
N LEU A 37 -3.45 -9.56 5.30
CA LEU A 37 -3.07 -10.30 4.10
C LEU A 37 -2.27 -11.57 4.43
N ILE A 38 -1.31 -11.46 5.33
CA ILE A 38 -0.42 -12.60 5.59
C ILE A 38 -0.97 -13.58 6.64
N GLN A 39 -1.71 -13.09 7.64
CA GLN A 39 -2.26 -13.94 8.71
C GLN A 39 -3.79 -14.08 8.70
N ASN A 40 -4.45 -13.31 7.85
CA ASN A 40 -5.90 -13.35 7.73
C ASN A 40 -6.68 -13.02 9.00
N HIS A 41 -6.15 -12.14 9.84
CA HIS A 41 -6.92 -11.59 10.96
C HIS A 41 -6.43 -10.21 11.38
N PHE A 42 -7.26 -9.53 12.16
CA PHE A 42 -7.04 -8.13 12.54
C PHE A 42 -6.24 -8.03 13.83
N VAL A 43 -5.18 -7.22 13.79
CA VAL A 43 -4.35 -6.97 14.97
C VAL A 43 -4.52 -5.51 15.39
N ASP A 44 -4.95 -5.30 16.63
CA ASP A 44 -5.17 -3.98 17.18
C ASP A 44 -3.91 -3.23 17.52
N GLU A 45 -2.92 -3.96 18.01
CA GLU A 45 -1.68 -3.34 18.46
C GLU A 45 -0.45 -3.97 17.85
N TYR A 46 0.30 -3.15 17.12
CA TYR A 46 1.53 -3.59 16.49
C TYR A 46 2.56 -2.48 16.71
N ASP A 47 3.71 -2.85 17.24
CA ASP A 47 4.76 -1.88 17.56
C ASP A 47 5.07 -0.99 16.34
N PRO A 48 4.78 0.33 16.44
CA PRO A 48 5.04 1.26 15.33
C PRO A 48 6.52 1.45 14.94
N THR A 49 7.45 0.91 15.73
CA THR A 49 8.86 0.96 15.40
C THR A 49 9.34 -0.23 14.57
N ILE A 50 8.50 -1.26 14.44
CA ILE A 50 8.91 -2.45 13.69
C ILE A 50 8.70 -2.25 12.20
N GLU A 51 9.80 -2.05 11.49
CA GLU A 51 9.81 -2.05 10.04
C GLU A 51 10.44 -3.35 9.57
N ASP A 52 9.73 -4.07 8.73
CA ASP A 52 10.21 -5.37 8.29
C ASP A 52 9.51 -5.77 7.00
N SER A 53 10.11 -6.70 6.28
CA SER A 53 9.50 -7.30 5.11
C SER A 53 8.91 -8.66 5.48
N TYR A 54 7.83 -9.02 4.80
CA TYR A 54 7.09 -10.23 5.10
C TYR A 54 6.78 -10.95 3.80
N ARG A 55 7.03 -12.25 3.76
CA ARG A 55 6.73 -13.06 2.59
C ARG A 55 5.42 -13.82 2.76
N LYS A 56 4.67 -13.94 1.67
CA LYS A 56 3.39 -14.61 1.72
C LYS A 56 3.03 -15.16 0.35
N GLN A 57 2.69 -16.45 0.31
CA GLN A 57 2.24 -17.08 -0.92
C GLN A 57 0.72 -17.00 -0.96
N VAL A 58 0.21 -16.52 -2.09
CA VAL A 58 -1.22 -16.44 -2.33
C VAL A 58 -1.46 -16.94 -3.75
N VAL A 59 -2.72 -16.90 -4.21
CA VAL A 59 -3.04 -17.20 -5.60
C VAL A 59 -3.85 -16.02 -6.13
N ILE A 60 -3.40 -15.48 -7.25
CA ILE A 60 -4.01 -14.28 -7.85
C ILE A 60 -4.37 -14.58 -9.29
N ASP A 61 -5.66 -14.51 -9.60
CA ASP A 61 -6.17 -14.84 -10.92
C ASP A 61 -5.61 -16.18 -11.44
N GLY A 62 -5.60 -17.17 -10.55
CA GLY A 62 -5.20 -18.51 -10.91
C GLY A 62 -3.71 -18.80 -10.94
N GLU A 63 -2.86 -17.79 -10.74
CA GLU A 63 -1.41 -18.03 -10.65
C GLU A 63 -0.91 -17.91 -9.21
N THR A 64 -0.10 -18.88 -8.80
CA THR A 64 0.59 -18.81 -7.52
C THR A 64 1.47 -17.57 -7.49
N SER A 65 1.30 -16.76 -6.45
CA SER A 65 1.99 -15.49 -6.34
C SER A 65 2.68 -15.40 -4.99
N LEU A 66 3.97 -15.15 -5.02
CA LEU A 66 4.76 -14.97 -3.82
C LEU A 66 4.95 -13.48 -3.61
N LEU A 67 4.43 -12.97 -2.49
CA LEU A 67 4.51 -11.56 -2.17
C LEU A 67 5.65 -11.33 -1.18
N ASP A 68 6.43 -10.29 -1.41
CA ASP A 68 7.52 -9.87 -0.55
C ASP A 68 7.13 -8.45 -0.20
N ILE A 69 6.55 -8.28 0.97
CA ILE A 69 6.01 -6.99 1.38
C ILE A 69 6.76 -6.22 2.46
N LEU A 70 7.16 -5.00 2.13
CA LEU A 70 7.81 -4.15 3.09
C LEU A 70 6.79 -3.25 3.74
N ASP A 71 6.63 -3.42 5.04
CA ASP A 71 5.74 -2.64 5.86
C ASP A 71 6.58 -1.53 6.49
N THR A 72 6.56 -0.34 5.90
CA THR A 72 7.34 0.79 6.40
C THR A 72 6.89 1.26 7.76
N ALA A 73 7.86 1.61 8.59
CA ALA A 73 7.64 2.04 9.96
C ALA A 73 8.88 2.70 10.54
N GLY A 74 8.84 3.01 11.82
CA GLY A 74 9.98 3.58 12.50
C GLY A 74 9.97 5.09 12.55
N GLN A 75 10.73 5.65 13.48
CA GLN A 75 10.79 7.10 13.61
C GLN A 75 11.86 7.72 12.72
N GLU A 76 12.71 6.89 12.13
CA GLU A 76 13.86 7.37 11.33
C GLU A 76 13.43 8.00 10.01
N GLU A 77 14.04 9.14 9.68
CA GLU A 77 13.87 9.80 8.38
C GLU A 77 14.34 8.94 7.21
N TYR A 78 15.37 8.15 7.47
CA TYR A 78 15.92 7.27 6.45
C TYR A 78 16.12 5.86 6.99
N SER A 79 15.90 4.87 6.13
CA SER A 79 16.05 3.47 6.49
C SER A 79 16.70 2.70 5.34
N ALA A 80 17.72 1.93 5.64
CA ALA A 80 18.43 1.16 4.63
C ALA A 80 17.45 0.22 3.95
N MET A 81 16.56 -0.36 4.73
CA MET A 81 15.53 -1.26 4.24
C MET A 81 14.56 -0.53 3.29
N ARG A 82 14.12 0.65 3.68
CA ARG A 82 13.29 1.46 2.78
C ARG A 82 14.07 1.77 1.49
N ASP A 83 15.31 2.21 1.64
CA ASP A 83 16.12 2.56 0.46
C ASP A 83 16.20 1.40 -0.52
N GLN A 84 16.42 0.19 0.01
CA GLN A 84 16.54 -1.02 -0.80
C GLN A 84 15.23 -1.30 -1.54
N TYR A 85 14.12 -1.30 -0.82
CA TYR A 85 12.81 -1.56 -1.41
C TYR A 85 12.32 -0.44 -2.32
N MET A 86 12.76 0.80 -2.08
CA MET A 86 12.41 1.88 -3.00
CA MET A 86 12.43 1.91 -2.99
C MET A 86 13.08 1.67 -4.35
N ARG A 87 14.28 1.09 -4.34
CA ARG A 87 15.02 0.78 -5.56
C ARG A 87 14.46 -0.45 -6.27
N THR A 88 14.22 -1.53 -5.52
CA THR A 88 13.83 -2.82 -6.10
C THR A 88 12.32 -3.11 -6.06
N GLY A 89 11.59 -2.42 -5.19
CA GLY A 89 10.14 -2.58 -5.10
C GLY A 89 9.48 -2.36 -6.44
N GLU A 90 8.53 -3.23 -6.80
CA GLU A 90 7.86 -3.14 -8.09
C GLU A 90 6.51 -2.43 -8.01
N GLY A 91 5.95 -2.34 -6.80
CA GLY A 91 4.65 -1.73 -6.61
C GLY A 91 4.48 -1.17 -5.22
N PHE A 92 3.71 -0.09 -5.12
CA PHE A 92 3.57 0.66 -3.87
C PHE A 92 2.11 0.88 -3.52
N LEU A 93 1.77 0.59 -2.28
CA LEU A 93 0.44 0.81 -1.75
C LEU A 93 0.48 2.14 -1.02
N LEU A 94 -0.28 3.12 -1.52
CA LEU A 94 -0.33 4.45 -0.90
C LEU A 94 -1.52 4.49 0.04
N VAL A 95 -1.26 4.27 1.31
CA VAL A 95 -2.30 4.18 2.30
C VAL A 95 -2.56 5.42 3.14
N PHE A 96 -3.84 5.80 3.21
CA PHE A 96 -4.29 6.87 4.05
C PHE A 96 -5.53 6.38 4.80
N ALA A 97 -5.82 7.01 5.92
CA ALA A 97 -7.01 6.70 6.69
C ALA A 97 -8.08 7.72 6.34
N ILE A 98 -9.29 7.23 6.06
CA ILE A 98 -10.39 8.11 5.64
C ILE A 98 -10.87 9.07 6.72
N ASN A 99 -10.40 8.88 7.95
CA ASN A 99 -10.69 9.79 9.08
C ASN A 99 -9.49 10.65 9.49
N ASN A 100 -8.50 10.75 8.62
CA ASN A 100 -7.32 11.57 8.90
C ASN A 100 -6.88 12.34 7.67
N THR A 101 -7.24 13.63 7.65
CA THR A 101 -7.04 14.47 6.48
C THR A 101 -5.58 14.67 6.15
N LYS A 102 -4.74 14.82 7.18
CA LYS A 102 -3.31 14.98 6.96
C LYS A 102 -2.69 13.74 6.31
N SER A 103 -3.16 12.56 6.67
CA SER A 103 -2.67 11.32 6.05
C SER A 103 -2.95 11.31 4.55
N PHE A 104 -4.10 11.89 4.15
CA PHE A 104 -4.45 12.02 2.73
C PHE A 104 -3.57 13.07 2.05
N GLU A 105 -3.39 14.21 2.71
CA GLU A 105 -2.49 15.25 2.20
C GLU A 105 -1.06 14.74 2.06
N ASP A 106 -0.66 13.86 2.96
CA ASP A 106 0.67 13.25 2.89
C ASP A 106 0.89 12.36 1.67
N ILE A 107 -0.19 11.81 1.09
CA ILE A 107 -0.07 10.90 -0.04
C ILE A 107 0.79 11.49 -1.16
N HIS A 108 0.59 12.77 -1.45
CA HIS A 108 1.39 13.45 -2.47
C HIS A 108 2.90 13.29 -2.23
N HIS A 109 3.33 13.47 -0.98
CA HIS A 109 4.75 13.40 -0.63
C HIS A 109 5.33 12.01 -0.79
N TYR A 110 4.55 10.98 -0.48
CA TYR A 110 4.97 9.61 -0.73
C TYR A 110 5.12 9.34 -2.22
N ARG A 111 4.11 9.69 -3.03
CA ARG A 111 4.18 9.49 -4.47
CA ARG A 111 4.19 9.47 -4.47
C ARG A 111 5.35 10.23 -5.09
N GLU A 112 5.57 11.47 -4.66
CA GLU A 112 6.65 12.28 -5.21
C GLU A 112 8.01 11.61 -4.96
N GLN A 113 8.20 11.07 -3.76
CA GLN A 113 9.46 10.43 -3.43
C GLN A 113 9.68 9.15 -4.21
N ILE A 114 8.62 8.36 -4.39
CA ILE A 114 8.74 7.10 -5.12
C ILE A 114 9.09 7.37 -6.59
N LYS A 115 8.41 8.34 -7.21
CA LYS A 115 8.69 8.71 -8.59
C LYS A 115 10.14 9.15 -8.80
N ARG A 116 10.68 9.91 -7.84
CA ARG A 116 12.03 10.45 -7.94
C ARG A 116 13.09 9.33 -7.91
N VAL A 117 12.96 8.42 -6.96
CA VAL A 117 13.88 7.29 -6.84
C VAL A 117 13.82 6.38 -8.06
N LYS A 118 12.62 6.17 -8.59
CA LYS A 118 12.46 5.35 -9.80
C LYS A 118 12.90 6.07 -11.07
N ASP A 119 12.90 7.41 -11.02
CA ASP A 119 13.18 8.24 -12.18
C ASP A 119 12.19 7.83 -13.27
N SER A 120 10.92 7.84 -12.92
CA SER A 120 9.85 7.39 -13.79
C SER A 120 8.53 7.94 -13.30
N GLU A 121 7.66 8.28 -14.26
CA GLU A 121 6.33 8.79 -13.96
C GLU A 121 5.30 7.67 -14.01
N ASP A 122 5.77 6.45 -14.33
CA ASP A 122 4.90 5.29 -14.50
C ASP A 122 5.35 4.15 -13.58
N VAL A 123 5.00 4.28 -12.31
CA VAL A 123 5.34 3.29 -11.28
C VAL A 123 4.03 2.67 -10.80
N PRO A 124 3.96 1.32 -10.74
CA PRO A 124 2.72 0.72 -10.24
C PRO A 124 2.39 1.12 -8.82
N MET A 125 1.20 1.71 -8.64
CA MET A 125 0.73 2.14 -7.34
C MET A 125 -0.76 1.95 -7.25
N VAL A 126 -1.24 1.83 -6.02
CA VAL A 126 -2.67 1.80 -5.73
C VAL A 126 -2.93 2.71 -4.54
N LEU A 127 -3.93 3.56 -4.68
CA LEU A 127 -4.35 4.42 -3.60
C LEU A 127 -5.34 3.65 -2.74
N VAL A 128 -5.08 3.63 -1.43
CA VAL A 128 -5.88 2.83 -0.49
C VAL A 128 -6.43 3.74 0.59
N GLY A 129 -7.76 3.84 0.65
CA GLY A 129 -8.44 4.55 1.73
C GLY A 129 -8.86 3.54 2.78
N ASN A 130 -8.09 3.47 3.86
CA ASN A 130 -8.31 2.47 4.91
C ASN A 130 -9.20 3.00 6.02
N LYS A 131 -9.70 2.08 6.86
CA LYS A 131 -10.59 2.38 7.98
C LYS A 131 -11.97 2.76 7.48
N SER A 132 -12.39 2.14 6.38
CA SER A 132 -13.68 2.46 5.75
CA SER A 132 -13.69 2.43 5.75
C SER A 132 -14.87 2.05 6.63
N ASP A 133 -14.61 1.22 7.64
CA ASP A 133 -15.63 0.86 8.64
C ASP A 133 -16.04 2.03 9.53
N LEU A 134 -15.12 2.97 9.78
CA LEU A 134 -15.37 4.05 10.71
C LEU A 134 -16.41 5.02 10.16
N PRO A 135 -17.35 5.46 11.02
CA PRO A 135 -18.39 6.42 10.67
C PRO A 135 -17.92 7.84 10.43
N SER A 136 -17.00 8.32 11.26
CA SER A 136 -16.52 9.69 11.24
C SER A 136 -15.44 10.01 10.23
N ARG A 137 -15.77 9.95 8.96
CA ARG A 137 -14.80 10.20 7.91
C ARG A 137 -14.63 11.70 7.65
N THR A 138 -13.39 12.09 7.35
CA THR A 138 -13.04 13.48 7.06
C THR A 138 -12.47 13.68 5.66
N VAL A 139 -12.18 12.57 4.97
CA VAL A 139 -11.72 12.60 3.58
C VAL A 139 -12.83 12.05 2.70
N ASP A 140 -13.28 12.86 1.75
CA ASP A 140 -14.41 12.50 0.90
C ASP A 140 -13.96 11.53 -0.18
N THR A 141 -14.81 10.54 -0.46
CA THR A 141 -14.50 9.56 -1.51
C THR A 141 -14.19 10.24 -2.85
N LYS A 142 -14.87 11.34 -3.13
CA LYS A 142 -14.65 12.10 -4.36
C LYS A 142 -13.20 12.57 -4.46
N GLN A 143 -12.68 13.18 -3.40
CA GLN A 143 -11.30 13.66 -3.35
C GLN A 143 -10.31 12.55 -3.71
N ALA A 144 -10.48 11.40 -3.08
CA ALA A 144 -9.60 10.26 -3.31
C ALA A 144 -9.72 9.71 -4.72
N GLN A 145 -10.97 9.56 -5.20
CA GLN A 145 -11.20 9.14 -6.58
C GLN A 145 -10.53 10.09 -7.57
N ASP A 146 -10.67 11.39 -7.34
CA ASP A 146 -10.10 12.40 -8.24
C ASP A 146 -8.59 12.41 -8.18
N LEU A 147 -8.02 12.23 -6.99
CA LEU A 147 -6.58 12.12 -6.83
C LEU A 147 -6.04 10.93 -7.61
N ALA A 148 -6.65 9.76 -7.39
CA ALA A 148 -6.24 8.56 -8.08
C ALA A 148 -6.37 8.76 -9.60
N ARG A 149 -7.48 9.40 -10.01
CA ARG A 149 -7.69 9.80 -11.39
C ARG A 149 -6.50 10.61 -11.92
N SER A 150 -6.09 11.63 -11.17
CA SER A 150 -4.96 12.46 -11.59
C SER A 150 -3.65 11.68 -11.69
N TYR A 151 -3.46 10.72 -10.78
CA TYR A 151 -2.28 9.87 -10.76
C TYR A 151 -2.32 8.76 -11.82
N GLY A 152 -3.50 8.45 -12.32
CA GLY A 152 -3.68 7.35 -13.28
C GLY A 152 -3.58 5.99 -12.64
N ILE A 153 -4.04 5.87 -11.39
CA ILE A 153 -3.91 4.62 -10.65
C ILE A 153 -5.25 4.22 -10.05
N PRO A 154 -5.41 2.94 -9.72
CA PRO A 154 -6.62 2.52 -9.04
C PRO A 154 -6.77 3.09 -7.63
N PHE A 155 -8.02 3.22 -7.21
CA PHE A 155 -8.37 3.55 -5.82
C PHE A 155 -9.24 2.43 -5.25
N ILE A 156 -8.82 1.87 -4.12
CA ILE A 156 -9.54 0.80 -3.43
C ILE A 156 -9.82 1.26 -2.00
N GLU A 157 -11.07 1.09 -1.56
CA GLU A 157 -11.44 1.40 -0.18
C GLU A 157 -11.30 0.12 0.64
N THR A 158 -10.67 0.22 1.80
CA THR A 158 -10.46 -0.95 2.62
C THR A 158 -10.73 -0.74 4.08
N SER A 159 -10.76 -1.86 4.79
CA SER A 159 -10.89 -1.89 6.23
C SER A 159 -10.13 -3.09 6.73
N ALA A 160 -8.99 -2.85 7.36
CA ALA A 160 -8.21 -3.93 7.95
C ALA A 160 -8.98 -4.62 9.08
N LYS A 161 -9.86 -3.87 9.75
CA LYS A 161 -10.68 -4.41 10.81
C LYS A 161 -11.65 -5.49 10.32
N THR A 162 -12.44 -5.16 9.30
CA THR A 162 -13.44 -6.11 8.76
C THR A 162 -12.87 -7.00 7.64
N ARG A 163 -11.71 -6.61 7.11
CA ARG A 163 -11.06 -7.23 5.95
C ARG A 163 -11.69 -6.85 4.60
N GLN A 164 -12.67 -5.94 4.64
CA GLN A 164 -13.28 -5.41 3.42
C GLN A 164 -12.20 -4.84 2.50
N GLY A 165 -12.12 -5.34 1.26
CA GLY A 165 -11.23 -4.78 0.25
C GLY A 165 -9.73 -5.03 0.40
N VAL A 166 -9.33 -5.82 1.39
CA VAL A 166 -7.89 -6.02 1.64
C VAL A 166 -7.22 -6.80 0.51
N ASP A 167 -7.77 -7.95 0.14
CA ASP A 167 -7.23 -8.73 -0.97
C ASP A 167 -7.29 -7.92 -2.26
N ASP A 168 -8.38 -7.16 -2.44
CA ASP A 168 -8.56 -6.34 -3.63
C ASP A 168 -7.42 -5.34 -3.78
N ALA A 169 -7.06 -4.67 -2.69
CA ALA A 169 -5.97 -3.69 -2.68
C ALA A 169 -4.66 -4.32 -3.14
N PHE A 170 -4.28 -5.43 -2.51
CA PHE A 170 -3.01 -6.08 -2.82
C PHE A 170 -3.02 -6.74 -4.19
N TYR A 171 -4.11 -7.44 -4.54
CA TYR A 171 -4.21 -8.13 -5.83
C TYR A 171 -4.26 -7.12 -6.99
N THR A 172 -4.99 -6.02 -6.80
CA THR A 172 -5.02 -4.93 -7.76
C THR A 172 -3.62 -4.39 -8.02
N LEU A 173 -2.84 -4.21 -6.95
CA LEU A 173 -1.46 -3.76 -7.10
C LEU A 173 -0.63 -4.76 -7.92
N VAL A 174 -0.79 -6.05 -7.65
CA VAL A 174 -0.13 -7.08 -8.46
C VAL A 174 -0.52 -6.97 -9.93
N ARG A 175 -1.80 -6.78 -10.21
CA ARG A 175 -2.25 -6.63 -11.61
C ARG A 175 -1.63 -5.39 -12.28
N GLU A 176 -1.46 -4.30 -11.51
CA GLU A 176 -0.78 -3.11 -12.03
C GLU A 176 0.68 -3.40 -12.33
N ILE A 177 1.33 -4.20 -11.49
CA ILE A 177 2.72 -4.58 -11.73
C ILE A 177 2.81 -5.40 -13.01
N ARG A 178 1.90 -6.36 -13.18
CA ARG A 178 1.88 -7.21 -14.37
C ARG A 178 1.80 -6.38 -15.65
N LYS A 179 0.93 -5.38 -15.68
CA LYS A 179 0.83 -4.46 -16.83
C LYS A 179 2.15 -3.73 -17.08
N HIS A 180 2.76 -3.24 -16.00
CA HIS A 180 4.00 -2.49 -16.13
C HIS A 180 5.15 -3.36 -16.66
N LYS A 181 5.22 -4.60 -16.22
CA LYS A 181 6.24 -5.54 -16.71
C LYS A 181 6.07 -5.88 -18.19
N GLU A 182 4.84 -5.77 -18.69
CA GLU A 182 4.56 -6.04 -20.11
C GLU A 182 5.16 -4.96 -21.03
N LYS A 183 5.34 -3.75 -20.51
CA LYS A 183 5.94 -2.66 -21.31
C LYS A 183 7.41 -2.93 -21.60
CA CA B . 3.21 -0.26 11.61
PB GDP C . 0.48 1.82 10.94
O1B GDP C . 0.09 2.52 9.66
O2B GDP C . 1.18 0.49 10.77
O3B GDP C . 1.12 2.73 11.95
O3A GDP C . -0.98 1.48 11.52
PA GDP C . -1.40 0.21 12.41
O1A GDP C . -1.58 -1.04 11.61
O2A GDP C . -0.47 0.22 13.61
O5' GDP C . -2.84 0.71 12.89
C5' GDP C . -2.96 1.89 13.69
C4' GDP C . -4.24 1.83 14.52
O4' GDP C . -5.37 1.83 13.65
C3' GDP C . -4.33 0.56 15.35
O3' GDP C . -4.88 0.85 16.62
C2' GDP C . -5.24 -0.35 14.54
O2' GDP C . -5.97 -1.27 15.35
C1' GDP C . -6.16 0.65 13.86
N9 GDP C . -6.66 0.21 12.54
C8 GDP C . -5.92 -0.22 11.50
N7 GDP C . -6.72 -0.50 10.44
C5 GDP C . -8.00 -0.23 10.80
C6 GDP C . -9.32 -0.29 10.16
O6 GDP C . -9.44 -0.68 8.98
N1 GDP C . -10.39 0.09 10.88
C2 GDP C . -10.29 0.52 12.16
N2 GDP C . -11.42 0.89 12.82
N3 GDP C . -9.10 0.62 12.81
C4 GDP C . -7.95 0.26 12.18
C26 A1BH6 D . 7.26 16.55 3.15
C27 A1BH6 D . 7.98 17.90 3.20
O3 A1BH6 D . 9.40 17.75 2.94
C28 A1BH6 D . 9.97 16.86 3.92
C29 A1BH6 D . 9.31 15.48 3.83
N7 A1BH6 D . 7.87 15.66 4.15
C25 A1BH6 D . 7.19 14.51 4.40
C30 A1BH6 D . 7.79 13.25 4.43
C24 A1BH6 D . 5.83 14.59 4.70
C23 A1BH6 D . 5.10 13.43 4.98
C22 A1BH6 D . 5.73 12.20 5.00
C21 A1BH6 D . 7.09 12.08 4.72
C20 A1BH6 D . 7.73 10.83 4.74
N6 A1BH6 D . 7.43 9.91 5.69
N8 A1BH6 D . 8.67 10.52 3.85
C9 A1BH6 D . 9.29 9.33 3.86
N2 A1BH6 D . 10.22 9.07 2.96
C5 A1BH6 D . 10.93 7.80 2.84
C4 A1BH6 D . 10.46 7.09 1.56
C2 A1BH6 D . 8.94 6.83 1.56
C3 A1BH6 D . 8.47 6.39 0.16
C1 A1BH6 D . 8.50 5.80 2.62
C6 A1BH6 D . 12.43 8.13 2.74
C7 A1BH6 D . 13.35 6.90 2.80
O1 A1BH6 D . 13.41 6.21 3.82
N1 A1BH6 D . 14.10 6.73 1.72
C8 A1BH6 D . 15.03 5.59 1.69
N3 A1BH6 D . 8.96 8.43 4.81
C10 A1BH6 D . 8.02 8.73 5.72
N4 A1BH6 D . 7.71 7.81 6.64
C11 A1BH6 D . 6.78 8.02 7.76
C19 A1BH6 D . 8.29 6.44 6.63
C18 A1BH6 D . 8.28 6.09 8.11
C12 A1BH6 D . 6.95 6.73 8.56
C17 A1BH6 D . 5.78 5.75 8.43
C13 A1BH6 D . 6.74 6.78 10.08
N5 A1BH6 D . 5.79 5.67 9.91
C14 A1BH6 D . 5.17 4.88 10.76
O2 A1BH6 D . 4.39 4.01 10.39
C15 A1BH6 D . 5.42 5.09 12.25
C16 A1BH6 D . 4.30 5.64 13.14
#